data_7XBE
#
_entry.id   7XBE
#
_cell.length_a   101.935
_cell.length_b   38.799
_cell.length_c   54.504
_cell.angle_alpha   90.000
_cell.angle_beta   118.010
_cell.angle_gamma   90.000
#
_symmetry.space_group_name_H-M   'C 1 2 1'
#
loop_
_entity.id
_entity.type
_entity.pdbx_description
1 polymer 'LysR family transcriptional regulator'
2 non-polymer 'CITRATE ANION'
3 non-polymer 'SODIUM ION'
4 water water
#
_entity_poly.entity_id   1
_entity_poly.type   'polypeptide(L)'
_entity_poly.pdbx_seq_one_letter_code
;MKIEDYRLLITLDETKTLRKAAEILYISQPAVTQRLKAIENAFGVDIFIRTKKQLITTTEGTMIIEHARDMLKRERLFFD
KMQAHIGEVNGTISIGCSSLIGQTLLPEVLSLYNAQFPNVEIQVQVGSTEQIKANHRDYHVMITRGNKVMNLANTHLFND
DHYFIFPKNRRDDVTKLPFIEFQADPIYINQIKQWYNDNLEQDYHATITVDQVATCKEMLISGVGVTILPEIMMKNISKE
QFEFEKVEIDNEPLIRSTFMSYDPSMLQLPQVDSFVNLMASFVEQPKA
;
_entity_poly.pdbx_strand_id   A
#
loop_
_chem_comp.id
_chem_comp.type
_chem_comp.name
_chem_comp.formula
FLC non-polymer 'CITRATE ANION' 'C6 H5 O7 -3'
NA non-polymer 'SODIUM ION' 'Na 1'
#
# COMPACT_ATOMS: atom_id res chain seq x y z
N GLU A 88 0.02 -11.53 31.78
CA GLU A 88 -0.31 -10.15 31.29
C GLU A 88 0.83 -9.61 30.42
N VAL A 89 0.49 -9.18 29.20
CA VAL A 89 1.48 -8.84 28.18
C VAL A 89 2.07 -7.43 28.32
N ASN A 90 3.41 -7.35 28.23
CA ASN A 90 4.16 -6.12 28.50
C ASN A 90 5.26 -5.97 27.43
N GLY A 91 6.10 -4.95 27.60
CA GLY A 91 7.29 -4.77 26.77
C GLY A 91 7.02 -3.90 25.56
N THR A 92 7.97 -3.91 24.63
CA THR A 92 7.94 -3.08 23.44
C THR A 92 7.81 -3.94 22.19
N ILE A 93 7.03 -3.45 21.23
CA ILE A 93 6.96 -4.05 19.90
C ILE A 93 7.34 -2.98 18.88
N SER A 94 8.20 -3.36 17.93
CA SER A 94 8.73 -2.47 16.91
C SER A 94 8.23 -2.98 15.57
N ILE A 95 7.42 -2.16 14.91
CA ILE A 95 6.77 -2.52 13.66
C ILE A 95 7.36 -1.65 12.55
N GLY A 96 7.71 -2.29 11.44
CA GLY A 96 8.16 -1.61 10.24
C GLY A 96 7.17 -1.90 9.14
N CYS A 97 6.68 -0.88 8.44
CA CYS A 97 5.71 -1.15 7.38
C CYS A 97 5.79 -0.21 6.21
N SER A 98 5.24 -0.67 5.08
N SER A 98 5.26 -0.69 5.08
CA SER A 98 5.06 0.17 3.90
CA SER A 98 5.01 0.13 3.89
C SER A 98 4.29 1.43 4.27
C SER A 98 4.27 1.43 4.29
N SER A 99 4.72 2.56 3.74
CA SER A 99 4.13 3.86 4.08
C SER A 99 2.61 3.91 4.05
N LEU A 100 2.01 3.40 2.98
CA LEU A 100 0.54 3.40 2.87
C LEU A 100 -0.15 2.50 3.91
N ILE A 101 0.53 1.43 4.33
CA ILE A 101 0.00 0.55 5.38
C ILE A 101 -0.12 1.32 6.71
N GLY A 102 0.82 2.20 6.99
CA GLY A 102 0.72 3.08 8.17
C GLY A 102 -0.46 4.05 8.16
N GLN A 103 -1.03 4.27 7.00
CA GLN A 103 -2.17 5.15 6.91
C GLN A 103 -3.48 4.43 6.89
N THR A 104 -3.43 3.11 6.73
CA THR A 104 -4.64 2.40 6.54
C THR A 104 -4.82 1.21 7.44
N LEU A 105 -4.25 0.09 7.08
CA LEU A 105 -4.38 -1.11 7.86
C LEU A 105 -3.81 -1.11 9.27
N LEU A 106 -2.61 -0.58 9.43
CA LEU A 106 -1.96 -0.64 10.73
C LEU A 106 -2.71 0.16 11.82
N PRO A 107 -3.19 1.38 11.51
CA PRO A 107 -4.02 2.09 12.50
C PRO A 107 -5.25 1.30 12.95
N GLU A 108 -5.93 0.64 12.01
CA GLU A 108 -7.11 -0.17 12.35
C GLU A 108 -6.76 -1.31 13.28
N VAL A 109 -5.65 -1.99 12.98
CA VAL A 109 -5.20 -3.12 13.79
C VAL A 109 -4.65 -2.68 15.16
N LEU A 110 -3.87 -1.60 15.20
CA LEU A 110 -3.35 -1.10 16.47
C LEU A 110 -4.43 -0.59 17.43
N SER A 111 -5.52 -0.06 16.90
CA SER A 111 -6.65 0.34 17.75
C SER A 111 -7.21 -0.86 18.52
N LEU A 112 -7.30 -2.02 17.87
CA LEU A 112 -7.72 -3.25 18.52
C LEU A 112 -6.63 -3.79 19.45
N TYR A 113 -5.39 -3.80 18.96
CA TYR A 113 -4.22 -4.31 19.70
C TYR A 113 -4.02 -3.60 21.05
N ASN A 114 -3.96 -2.27 21.01
CA ASN A 114 -3.78 -1.48 22.23
C ASN A 114 -4.93 -1.66 23.22
N ALA A 115 -6.18 -1.70 22.71
CA ALA A 115 -7.35 -1.91 23.56
C ALA A 115 -7.28 -3.24 24.33
N GLN A 116 -6.81 -4.29 23.65
CA GLN A 116 -6.64 -5.60 24.27
C GLN A 116 -5.36 -5.70 25.13
N PHE A 117 -4.31 -5.00 24.72
CA PHE A 117 -2.98 -5.12 25.32
C PHE A 117 -2.39 -3.74 25.64
N PRO A 118 -3.01 -3.03 26.60
CA PRO A 118 -2.68 -1.62 26.89
C PRO A 118 -1.27 -1.33 27.42
N ASN A 119 -0.59 -2.32 27.99
CA ASN A 119 0.73 -2.11 28.58
C ASN A 119 1.91 -2.29 27.61
N VAL A 120 1.63 -2.62 26.35
CA VAL A 120 2.66 -2.75 25.33
C VAL A 120 3.02 -1.39 24.74
N GLU A 121 4.31 -1.07 24.73
CA GLU A 121 4.81 0.12 24.04
C GLU A 121 4.97 -0.21 22.56
N ILE A 122 4.44 0.66 21.69
CA ILE A 122 4.41 0.40 20.25
C ILE A 122 5.30 1.41 19.53
N GLN A 123 6.22 0.91 18.71
CA GLN A 123 7.07 1.76 17.88
C GLN A 123 6.79 1.45 16.43
N VAL A 124 6.53 2.48 15.62
CA VAL A 124 6.21 2.32 14.21
C VAL A 124 7.14 3.17 13.36
N GLN A 125 7.79 2.53 12.39
CA GLN A 125 8.52 3.23 11.34
C GLN A 125 7.90 2.85 10.02
N VAL A 126 7.68 3.83 9.15
CA VAL A 126 7.17 3.57 7.81
C VAL A 126 8.22 3.92 6.76
N GLY A 127 8.06 3.36 5.57
CA GLY A 127 8.98 3.63 4.47
C GLY A 127 8.65 2.78 3.26
N SER A 128 9.50 2.81 2.25
CA SER A 128 9.35 1.90 1.11
C SER A 128 9.53 0.45 1.58
N THR A 129 8.95 -0.49 0.85
CA THR A 129 9.13 -1.92 1.16
C THR A 129 10.61 -2.27 1.15
N GLU A 130 11.35 -1.67 0.21
CA GLU A 130 12.79 -1.86 0.09
C GLU A 130 13.52 -1.38 1.37
N GLN A 131 13.17 -0.18 1.84
CA GLN A 131 13.75 0.38 3.08
C GLN A 131 13.45 -0.46 4.31
N ILE A 132 12.20 -0.91 4.44
CA ILE A 132 11.78 -1.72 5.59
C ILE A 132 12.49 -3.07 5.59
N LYS A 133 12.53 -3.73 4.44
CA LYS A 133 13.26 -5.00 4.26
C LYS A 133 14.73 -4.89 4.63
N ALA A 134 15.37 -3.81 4.19
CA ALA A 134 16.80 -3.57 4.49
C ALA A 134 17.07 -3.45 5.99
N ASN A 135 16.17 -2.78 6.70
CA ASN A 135 16.29 -2.60 8.16
C ASN A 135 15.45 -3.62 8.95
N HIS A 136 15.31 -4.84 8.41
CA HIS A 136 14.50 -5.91 9.06
C HIS A 136 14.91 -6.21 10.50
N ARG A 137 16.20 -6.11 10.80
CA ARG A 137 16.74 -6.30 12.15
C ARG A 137 16.18 -5.32 13.21
N ASP A 138 15.73 -4.15 12.77
CA ASP A 138 15.14 -3.14 13.67
C ASP A 138 13.69 -3.44 14.08
N TYR A 139 13.03 -4.38 13.39
CA TYR A 139 11.61 -4.65 13.60
C TYR A 139 11.36 -6.06 14.10
N HIS A 140 10.41 -6.18 15.03
CA HIS A 140 9.90 -7.49 15.45
C HIS A 140 9.01 -8.07 14.34
N VAL A 141 8.17 -7.22 13.75
CA VAL A 141 7.23 -7.61 12.70
C VAL A 141 7.27 -6.56 11.59
N MET A 142 7.15 -7.02 10.34
CA MET A 142 7.10 -6.13 9.18
C MET A 142 5.83 -6.36 8.38
N ILE A 143 5.27 -5.29 7.80
CA ILE A 143 4.13 -5.39 6.89
C ILE A 143 4.52 -4.68 5.60
N THR A 144 4.76 -5.46 4.55
CA THR A 144 5.28 -4.94 3.29
C THR A 144 4.43 -5.39 2.11
N ARG A 145 4.73 -4.83 0.93
CA ARG A 145 3.94 -5.07 -0.26
C ARG A 145 4.81 -5.56 -1.41
N GLY A 146 4.21 -6.38 -2.27
CA GLY A 146 4.92 -6.98 -3.39
C GLY A 146 5.14 -8.45 -3.09
N ASN A 147 6.40 -8.85 -3.02
CA ASN A 147 6.78 -10.27 -2.80
C ASN A 147 7.05 -10.56 -1.32
N LYS A 148 7.20 -11.85 -1.02
CA LYS A 148 7.53 -12.31 0.33
C LYS A 148 8.96 -11.93 0.69
N VAL A 149 9.21 -11.72 1.99
CA VAL A 149 10.53 -11.30 2.48
C VAL A 149 11.43 -12.53 2.64
N MET A 150 12.66 -12.41 2.16
CA MET A 150 13.65 -13.49 2.18
C MET A 150 13.97 -14.00 3.59
N ASN A 151 13.94 -15.32 3.76
CA ASN A 151 14.42 -16.01 4.97
C ASN A 151 13.65 -15.64 6.26
N LEU A 152 12.35 -15.34 6.11
CA LEU A 152 11.46 -15.07 7.24
C LEU A 152 10.13 -15.77 7.02
N ALA A 153 9.35 -15.92 8.09
CA ALA A 153 7.98 -16.41 7.99
C ALA A 153 7.11 -15.32 7.39
N ASN A 154 6.32 -15.67 6.38
CA ASN A 154 5.42 -14.73 5.70
C ASN A 154 3.97 -15.18 5.78
N THR A 155 3.08 -14.24 6.07
CA THR A 155 1.65 -14.48 6.08
C THR A 155 1.03 -13.49 5.10
N HIS A 156 0.31 -14.03 4.12
CA HIS A 156 -0.40 -13.21 3.14
C HIS A 156 -1.61 -12.58 3.80
N LEU A 157 -1.68 -11.25 3.78
CA LEU A 157 -2.76 -10.52 4.45
C LEU A 157 -3.93 -10.29 3.50
N PHE A 158 -3.66 -9.68 2.35
CA PHE A 158 -4.69 -9.40 1.34
C PHE A 158 -4.05 -8.97 0.02
N ASN A 159 -4.90 -8.86 -1.00
CA ASN A 159 -4.52 -8.28 -2.29
C ASN A 159 -5.36 -7.03 -2.54
N ASP A 160 -4.77 -6.06 -3.25
CA ASP A 160 -5.46 -4.85 -3.69
C ASP A 160 -5.72 -4.92 -5.19
N ASP A 161 -6.96 -4.66 -5.58
CA ASP A 161 -7.26 -4.26 -6.96
C ASP A 161 -6.79 -2.82 -7.16
N HIS A 162 -6.82 -2.36 -8.41
CA HIS A 162 -6.39 -1.01 -8.76
C HIS A 162 -7.40 -0.30 -9.63
N TYR A 163 -7.40 1.03 -9.53
CA TYR A 163 -8.30 1.87 -10.29
C TYR A 163 -7.54 3.04 -10.89
N PHE A 164 -7.79 3.30 -12.16
CA PHE A 164 -7.38 4.53 -12.83
C PHE A 164 -8.41 5.59 -12.50
N ILE A 165 -7.94 6.73 -12.00
CA ILE A 165 -8.80 7.77 -11.45
C ILE A 165 -8.55 9.10 -12.15
N PHE A 166 -9.63 9.73 -12.62
CA PHE A 166 -9.55 11.01 -13.33
C PHE A 166 -10.78 11.87 -13.06
N PRO A 167 -10.63 13.20 -13.15
CA PRO A 167 -11.76 14.09 -12.91
C PRO A 167 -12.84 14.01 -13.99
N LYS A 168 -14.10 13.95 -13.55
CA LYS A 168 -15.24 13.81 -14.45
C LYS A 168 -15.39 15.01 -15.41
N ASN A 169 -15.11 16.21 -14.96
CA ASN A 169 -15.21 17.41 -15.82
C ASN A 169 -14.22 17.41 -17.01
N ARG A 170 -13.14 16.62 -16.92
CA ARG A 170 -12.11 16.53 -17.98
C ARG A 170 -12.08 15.16 -18.69
N ARG A 171 -13.20 14.43 -18.74
CA ARG A 171 -13.23 13.09 -19.36
C ARG A 171 -12.76 13.07 -20.81
N ASP A 172 -13.19 14.07 -21.59
CA ASP A 172 -12.81 14.17 -23.00
C ASP A 172 -11.32 14.47 -23.22
N ASP A 173 -10.63 14.92 -22.17
CA ASP A 173 -9.23 15.32 -22.22
C ASP A 173 -8.29 14.40 -21.40
N VAL A 174 -8.75 13.20 -21.04
CA VAL A 174 -7.97 12.31 -20.17
CA VAL A 174 -7.97 12.31 -20.17
C VAL A 174 -6.58 11.99 -20.73
N THR A 175 -6.48 11.86 -22.06
CA THR A 175 -5.18 11.55 -22.70
C THR A 175 -4.16 12.68 -22.60
N LYS A 176 -4.62 13.91 -22.34
CA LYS A 176 -3.74 15.06 -22.24
C LYS A 176 -3.41 15.45 -20.81
N LEU A 177 -4.08 14.85 -19.82
CA LEU A 177 -3.86 15.21 -18.41
C LEU A 177 -2.58 14.57 -17.88
N PRO A 178 -1.87 15.27 -16.97
CA PRO A 178 -0.62 14.72 -16.43
C PRO A 178 -0.86 13.50 -15.56
N PHE A 179 -0.02 12.48 -15.71
CA PHE A 179 -0.10 11.27 -14.92
C PHE A 179 0.81 11.40 -13.71
N ILE A 180 0.30 11.01 -12.54
CA ILE A 180 1.08 11.04 -11.30
C ILE A 180 1.58 9.63 -11.00
N GLU A 181 2.90 9.45 -11.04
CA GLU A 181 3.54 8.16 -10.76
C GLU A 181 4.05 8.16 -9.32
N PHE A 182 3.91 7.01 -8.64
CA PHE A 182 4.61 6.80 -7.37
C PHE A 182 5.75 5.80 -7.55
N GLN A 183 6.65 5.79 -6.59
CA GLN A 183 7.81 4.90 -6.60
C GLN A 183 7.42 3.53 -6.05
N ALA A 184 7.83 2.49 -6.76
CA ALA A 184 7.70 1.12 -6.28
C ALA A 184 8.63 0.25 -7.11
N ASP A 185 8.63 -1.06 -6.85
CA ASP A 185 9.49 -1.97 -7.59
C ASP A 185 9.09 -2.05 -9.07
N PRO A 186 10.06 -2.32 -9.97
CA PRO A 186 9.83 -2.25 -11.42
C PRO A 186 8.72 -3.14 -11.97
N ILE A 187 8.60 -4.38 -11.50
CA ILE A 187 7.54 -5.28 -11.98
C ILE A 187 6.16 -4.63 -11.83
N TYR A 188 5.93 -4.05 -10.66
CA TYR A 188 4.64 -3.40 -10.34
C TYR A 188 4.43 -2.13 -11.16
N ILE A 189 5.43 -1.25 -11.17
CA ILE A 189 5.32 0.00 -11.91
C ILE A 189 5.19 -0.26 -13.43
N ASN A 190 5.91 -1.24 -13.96
CA ASN A 190 5.82 -1.55 -15.38
C ASN A 190 4.44 -2.05 -15.78
N GLN A 191 3.75 -2.73 -14.87
CA GLN A 191 2.35 -3.11 -15.13
C GLN A 191 1.47 -1.87 -15.30
N ILE A 192 1.68 -0.87 -14.44
CA ILE A 192 0.96 0.41 -14.52
C ILE A 192 1.26 1.11 -15.84
N LYS A 193 2.55 1.18 -16.18
CA LYS A 193 2.97 1.81 -17.43
C LYS A 193 2.41 1.12 -18.67
N GLN A 194 2.45 -0.21 -18.69
CA GLN A 194 1.88 -1.01 -19.78
C GLN A 194 0.37 -0.78 -19.91
N TRP A 195 -0.34 -0.76 -18.78
CA TRP A 195 -1.77 -0.48 -18.80
C TRP A 195 -2.08 0.88 -19.43
N TYR A 196 -1.33 1.89 -19.02
CA TYR A 196 -1.50 3.23 -19.56
C TYR A 196 -1.24 3.26 -21.06
N ASN A 197 -0.12 2.66 -21.48
CA ASN A 197 0.25 2.63 -22.90
C ASN A 197 -0.84 1.96 -23.73
N ASP A 198 -1.33 0.82 -23.26
CA ASP A 198 -2.34 0.05 -23.98
C ASP A 198 -3.70 0.77 -24.01
N ASN A 199 -4.12 1.34 -22.89
CA ASN A 199 -5.49 1.85 -22.73
C ASN A 199 -5.72 3.31 -23.09
N LEU A 200 -4.70 4.15 -22.92
N LEU A 200 -4.70 4.15 -22.94
CA LEU A 200 -4.74 5.54 -23.38
CA LEU A 200 -4.78 5.54 -23.40
C LEU A 200 -4.16 5.74 -24.79
C LEU A 200 -4.16 5.74 -24.79
N GLU A 201 -3.62 4.66 -25.37
CA GLU A 201 -3.19 4.61 -26.78
C GLU A 201 -2.06 5.58 -27.11
N GLN A 202 -1.15 5.74 -26.16
CA GLN A 202 -0.01 6.62 -26.34
C GLN A 202 1.11 6.22 -25.39
N ASP A 203 2.31 6.73 -25.67
CA ASP A 203 3.47 6.44 -24.84
C ASP A 203 3.20 6.87 -23.40
N TYR A 204 3.63 6.04 -22.45
CA TYR A 204 3.57 6.41 -21.05
C TYR A 204 4.55 7.54 -20.77
N HIS A 205 4.07 8.53 -20.03
CA HIS A 205 4.91 9.62 -19.55
C HIS A 205 4.30 10.12 -18.25
N ALA A 206 5.13 10.22 -17.22
CA ALA A 206 4.72 10.74 -15.92
C ALA A 206 5.21 12.17 -15.82
N THR A 207 4.28 13.11 -15.71
CA THR A 207 4.63 14.52 -15.53
C THR A 207 5.03 14.78 -14.08
N ILE A 208 4.39 14.10 -13.13
CA ILE A 208 4.68 14.23 -11.71
C ILE A 208 5.09 12.87 -11.15
N THR A 209 6.22 12.84 -10.45
CA THR A 209 6.70 11.64 -9.78
CA THR A 209 6.73 11.64 -9.79
C THR A 209 6.85 11.92 -8.29
N VAL A 210 6.27 11.05 -7.47
CA VAL A 210 6.35 11.16 -6.01
C VAL A 210 6.82 9.82 -5.45
N ASP A 211 7.35 9.82 -4.24
CA ASP A 211 7.80 8.57 -3.64
C ASP A 211 6.65 7.78 -3.03
N GLN A 212 5.77 8.45 -2.29
CA GLN A 212 4.69 7.79 -1.53
C GLN A 212 3.36 7.74 -2.26
N VAL A 213 2.68 6.59 -2.16
CA VAL A 213 1.32 6.46 -2.67
C VAL A 213 0.41 7.50 -2.00
N ALA A 214 0.61 7.75 -0.70
CA ALA A 214 -0.21 8.72 0.03
C ALA A 214 -0.06 10.11 -0.56
N THR A 215 1.16 10.48 -0.93
CA THR A 215 1.40 11.76 -1.59
C THR A 215 0.66 11.82 -2.94
N CYS A 216 0.79 10.73 -3.71
CA CYS A 216 0.10 10.58 -4.99
C CYS A 216 -1.41 10.79 -4.85
N LYS A 217 -1.99 10.16 -3.84
CA LYS A 217 -3.42 10.32 -3.55
C LYS A 217 -3.83 11.78 -3.34
N GLU A 218 -3.04 12.52 -2.56
CA GLU A 218 -3.35 13.93 -2.29
C GLU A 218 -3.15 14.82 -3.53
N MET A 219 -2.19 14.47 -4.39
CA MET A 219 -2.01 15.16 -5.67
C MET A 219 -3.26 14.99 -6.52
N LEU A 220 -3.77 13.77 -6.61
CA LEU A 220 -5.01 13.48 -7.32
C LEU A 220 -6.16 14.33 -6.76
N ILE A 221 -6.39 14.23 -5.45
CA ILE A 221 -7.48 14.94 -4.77
C ILE A 221 -7.44 16.46 -5.01
N SER A 222 -6.24 17.03 -4.98
CA SER A 222 -6.07 18.49 -5.19
C SER A 222 -6.19 18.95 -6.65
N GLY A 223 -6.33 18.01 -7.60
CA GLY A 223 -6.58 18.34 -9.00
C GLY A 223 -5.34 18.40 -9.86
N VAL A 224 -4.23 17.79 -9.39
CA VAL A 224 -2.94 17.87 -10.09
C VAL A 224 -2.99 17.06 -11.38
N GLY A 225 -3.66 15.91 -11.37
CA GLY A 225 -3.80 15.10 -12.58
C GLY A 225 -4.51 13.77 -12.38
N VAL A 226 -4.10 12.77 -13.15
CA VAL A 226 -4.70 11.44 -13.11
C VAL A 226 -3.69 10.44 -12.54
N THR A 227 -4.19 9.31 -12.04
CA THR A 227 -3.31 8.29 -11.46
C THR A 227 -4.01 6.94 -11.33
N ILE A 228 -3.22 5.91 -11.07
CA ILE A 228 -3.71 4.62 -10.60
C ILE A 228 -3.39 4.45 -9.12
N LEU A 229 -4.39 4.07 -8.32
CA LEU A 229 -4.21 3.78 -6.89
C LEU A 229 -4.65 2.35 -6.58
N PRO A 230 -4.04 1.75 -5.53
CA PRO A 230 -4.55 0.50 -4.99
C PRO A 230 -5.84 0.78 -4.21
N GLU A 231 -6.74 -0.21 -4.18
CA GLU A 231 -8.07 -0.04 -3.58
C GLU A 231 -8.06 0.40 -2.12
N ILE A 232 -7.11 -0.10 -1.33
CA ILE A 232 -6.99 0.29 0.09
C ILE A 232 -6.76 1.81 0.28
N MET A 233 -6.22 2.49 -0.74
CA MET A 233 -5.99 3.94 -0.70
C MET A 233 -7.10 4.80 -1.33
N MET A 234 -8.26 4.23 -1.62
CA MET A 234 -9.33 4.99 -2.28
C MET A 234 -10.41 5.54 -1.36
N LYS A 235 -10.21 5.47 -0.04
CA LYS A 235 -11.19 6.01 0.91
C LYS A 235 -11.20 7.53 0.84
N ASN A 236 -12.40 8.11 0.89
CA ASN A 236 -12.61 9.55 0.93
C ASN A 236 -12.07 10.31 -0.29
N ILE A 237 -12.14 9.67 -1.46
CA ILE A 237 -11.96 10.33 -2.74
C ILE A 237 -13.35 10.55 -3.29
N SER A 238 -13.66 11.79 -3.69
CA SER A 238 -15.01 12.16 -4.11
C SER A 238 -15.50 11.39 -5.34
N LYS A 239 -16.58 10.64 -5.16
CA LYS A 239 -17.26 9.94 -6.26
C LYS A 239 -17.99 10.91 -7.20
N GLU A 240 -18.37 12.07 -6.68
CA GLU A 240 -18.96 13.13 -7.51
C GLU A 240 -17.92 13.74 -8.46
N GLN A 241 -16.71 13.98 -7.94
CA GLN A 241 -15.66 14.63 -8.71
C GLN A 241 -14.87 13.68 -9.62
N PHE A 242 -14.67 12.44 -9.20
CA PHE A 242 -13.76 11.51 -9.88
C PHE A 242 -14.45 10.24 -10.42
N GLU A 243 -14.02 9.83 -11.62
CA GLU A 243 -14.38 8.54 -12.20
C GLU A 243 -13.34 7.51 -11.75
N PHE A 244 -13.80 6.31 -11.40
CA PHE A 244 -12.93 5.19 -11.03
C PHE A 244 -13.06 4.06 -12.04
N GLU A 245 -11.99 3.79 -12.78
CA GLU A 245 -11.98 2.74 -13.80
C GLU A 245 -11.13 1.57 -13.30
N LYS A 246 -11.74 0.41 -13.11
CA LYS A 246 -11.00 -0.76 -12.63
C LYS A 246 -9.91 -1.14 -13.62
N VAL A 247 -8.71 -1.37 -13.10
CA VAL A 247 -7.54 -1.65 -13.93
C VAL A 247 -7.47 -3.14 -14.20
N GLU A 248 -7.81 -3.51 -15.43
CA GLU A 248 -7.80 -4.90 -15.88
C GLU A 248 -6.72 -5.06 -16.94
N ILE A 249 -6.02 -6.19 -16.87
CA ILE A 249 -5.02 -6.57 -17.86
C ILE A 249 -5.42 -7.95 -18.38
N ASP A 250 -5.92 -8.00 -19.62
CA ASP A 250 -6.46 -9.22 -20.24
C ASP A 250 -7.65 -9.81 -19.45
N ASN A 251 -8.53 -8.93 -19.00
CA ASN A 251 -9.69 -9.28 -18.16
C ASN A 251 -9.34 -10.00 -16.84
N GLU A 252 -8.15 -9.69 -16.30
CA GLU A 252 -7.73 -10.11 -14.98
C GLU A 252 -7.26 -8.84 -14.25
N PRO A 253 -7.67 -8.66 -12.99
CA PRO A 253 -7.30 -7.40 -12.32
C PRO A 253 -5.80 -7.28 -12.05
N LEU A 254 -5.28 -6.05 -12.20
CA LEU A 254 -3.95 -5.74 -11.69
C LEU A 254 -4.03 -5.79 -10.18
N ILE A 255 -3.15 -6.58 -9.56
CA ILE A 255 -3.15 -6.73 -8.10
C ILE A 255 -1.79 -6.47 -7.46
N ARG A 256 -1.85 -6.10 -6.17
CA ARG A 256 -0.67 -5.87 -5.33
C ARG A 256 -0.93 -6.60 -4.03
N SER A 257 0.00 -7.47 -3.62
CA SER A 257 -0.15 -8.25 -2.40
C SER A 257 0.48 -7.54 -1.20
N THR A 258 -0.05 -7.84 -0.02
CA THR A 258 0.50 -7.36 1.26
C THR A 258 0.81 -8.56 2.14
N PHE A 259 2.00 -8.56 2.73
CA PHE A 259 2.48 -9.67 3.56
C PHE A 259 2.92 -9.16 4.92
N MET A 260 2.65 -9.96 5.96
CA MET A 260 3.24 -9.78 7.27
C MET A 260 4.45 -10.70 7.35
N SER A 261 5.59 -10.18 7.81
CA SER A 261 6.82 -10.97 7.93
C SER A 261 7.48 -10.79 9.30
N TYR A 262 8.14 -11.85 9.76
CA TYR A 262 8.82 -11.84 11.06
C TYR A 262 9.73 -13.05 11.18
N ASP A 263 10.75 -12.95 12.03
CA ASP A 263 11.60 -14.09 12.38
C ASP A 263 10.83 -14.94 13.39
N PRO A 264 10.57 -16.23 13.08
CA PRO A 264 9.83 -17.10 14.01
C PRO A 264 10.25 -17.05 15.48
N SER A 265 11.53 -16.78 15.74
CA SER A 265 12.06 -16.67 17.11
C SER A 265 11.61 -15.43 17.89
N MET A 266 10.92 -14.49 17.25
CA MET A 266 10.29 -13.35 17.94
C MET A 266 8.94 -13.72 18.59
N LEU A 267 8.33 -14.82 18.17
CA LEU A 267 7.00 -15.24 18.67
C LEU A 267 6.96 -15.64 20.15
N GLN A 268 8.11 -15.95 20.74
CA GLN A 268 8.21 -16.19 22.19
C GLN A 268 7.84 -14.96 23.03
N LEU A 269 8.07 -13.77 22.48
CA LEU A 269 7.66 -12.51 23.11
C LEU A 269 6.14 -12.38 23.01
N PRO A 270 5.44 -12.36 24.17
CA PRO A 270 3.96 -12.33 24.12
C PRO A 270 3.35 -11.13 23.39
N GLN A 271 4.00 -9.97 23.45
CA GLN A 271 3.55 -8.81 22.68
C GLN A 271 3.63 -9.02 21.16
N VAL A 272 4.65 -9.75 20.71
CA VAL A 272 4.83 -10.04 19.29
C VAL A 272 3.88 -11.14 18.84
N ASP A 273 3.74 -12.20 19.64
CA ASP A 273 2.79 -13.28 19.36
C ASP A 273 1.36 -12.76 19.28
N SER A 274 0.99 -11.93 20.24
CA SER A 274 -0.35 -11.31 20.30
C SER A 274 -0.66 -10.45 19.07
N PHE A 275 0.35 -9.73 18.59
CA PHE A 275 0.19 -8.90 17.40
C PHE A 275 0.01 -9.76 16.14
N VAL A 276 0.91 -10.73 15.97
CA VAL A 276 0.89 -11.63 14.81
C VAL A 276 -0.44 -12.39 14.74
N ASN A 277 -0.86 -12.94 15.88
CA ASN A 277 -2.15 -13.66 15.96
C ASN A 277 -3.34 -12.75 15.66
N LEU A 278 -3.29 -11.51 16.16
CA LEU A 278 -4.37 -10.54 15.92
C LEU A 278 -4.44 -10.12 14.44
N MET A 279 -3.29 -9.84 13.84
CA MET A 279 -3.24 -9.44 12.43
C MET A 279 -3.79 -10.55 11.52
N ALA A 280 -3.28 -11.77 11.73
CA ALA A 280 -3.75 -12.94 10.98
C ALA A 280 -5.25 -13.17 11.11
N SER A 281 -5.78 -12.93 12.31
CA SER A 281 -7.22 -13.04 12.58
C SER A 281 -8.02 -11.91 11.92
N PHE A 282 -7.48 -10.69 12.00
CA PHE A 282 -8.17 -9.49 11.49
C PHE A 282 -8.52 -9.58 10.01
N VAL A 283 -7.55 -10.02 9.21
CA VAL A 283 -7.71 -10.10 7.74
C VAL A 283 -8.63 -11.24 7.30
N GLU A 284 -8.63 -12.36 8.03
CA GLU A 284 -9.53 -13.48 7.77
C GLU A 284 -10.98 -13.16 8.16
CAC FLC B . 3.74 -0.13 -2.73
CA FLC B . 3.71 1.06 -1.80
CB FLC B . 4.95 1.25 -0.94
CBC FLC B . 6.00 0.18 -0.81
CG FLC B . 5.17 2.47 -0.07
CGC FLC B . 4.20 3.60 -0.33
OA1 FLC B . 4.75 -0.33 -3.42
OA2 FLC B . 2.73 -0.86 -2.78
OB1 FLC B . 7.14 0.22 -1.34
OB2 FLC B . 5.66 -0.77 -0.08
OG1 FLC B . 4.45 4.38 -1.27
OG2 FLC B . 3.19 3.72 0.38
OHB FLC B . 5.62 1.86 -2.10
NA NA C . 6.21 4.29 -3.00
NA NA D . 0.13 5.55 -10.22
#